data_6ML6
#
_entry.id   6ML6
#
_cell.length_a   46.163
_cell.length_b   68.244
_cell.length_c   49.259
_cell.angle_alpha   90.00
_cell.angle_beta   92.90
_cell.angle_gamma   90.00
#
_symmetry.space_group_name_H-M   'P 1 21 1'
#
loop_
_entity.id
_entity.type
_entity.pdbx_description
1 polymer 'Zinc finger and BTB domain-containing protein 24'
2 polymer "DNA (5'-D(*AP*CP*GP*(5CM)P*AP*GP*GP*TP*CP*CP*TP*GP*GP*AP*CP*GP*AP*AP*TP*T)-3')"
3 polymer "DNA (5'-D(*TP*AP*AP*TP*TP*CP*GP*TP*CP*CP*AP*GP*GP*AP*CP*CP*TP*GP*CP*G)-3')"
4 non-polymer 'ZINC ION'
5 non-polymer 1,2-ETHANEDIOL
6 water water
#
loop_
_entity_poly.entity_id
_entity_poly.type
_entity_poly.pdbx_seq_one_letter_code
_entity_poly.pdbx_strand_id
1 'polypeptide(L)'
;GPLGSKSFTCDQCGKYFSQKRQLKSHYRVHTGHSLPECSHCHRKFMDVSQLKKHLRTHTGEKPFTCEICGKSFTAKSSLQ
THIRIHRGEKPYSCSICGKCFSDSSAKRRHCILHTGKKPFSCPECGLQFARLDNLKAHLKIHSKEKHTADY
;
A
2 'polydeoxyribonucleotide'
;(DA)(DC)(DG)(5CM)(DA)(DG)(DG)(DT)(DC)(DC)(DT)(DG)(DG)(DA)(DC)(DG)(DA)(DA)(DT)
(DT)
;
E
3 'polydeoxyribonucleotide' (DT)(DA)(DA)(DT)(DT)(DC)(DG)(DT)(DC)(DC)(DA)(DG)(DG)(DA)(DC)(DC)(DT)(DG)(DC)(DG) F
#
loop_
_chem_comp.id
_chem_comp.type
_chem_comp.name
_chem_comp.formula
5CM DNA linking 5-METHYL-2'-DEOXY-CYTIDINE-5'-MONOPHOSPHATE 'C10 H16 N3 O7 P'
DA DNA linking 2'-DEOXYADENOSINE-5'-MONOPHOSPHATE 'C10 H14 N5 O6 P'
DC DNA linking 2'-DEOXYCYTIDINE-5'-MONOPHOSPHATE 'C9 H14 N3 O7 P'
DG DNA linking 2'-DEOXYGUANOSINE-5'-MONOPHOSPHATE 'C10 H14 N5 O7 P'
DT DNA linking THYMIDINE-5'-MONOPHOSPHATE 'C10 H15 N2 O8 P'
EDO non-polymer 1,2-ETHANEDIOL 'C2 H6 O2'
ZN non-polymer 'ZINC ION' 'Zn 2'
#
# COMPACT_ATOMS: atom_id res chain seq x y z
N GLY A 4 32.53 -12.88 14.98
CA GLY A 4 31.36 -12.24 14.42
C GLY A 4 30.59 -11.44 15.44
N SER A 5 31.30 -10.89 16.42
CA SER A 5 30.65 -10.10 17.46
C SER A 5 30.12 -8.78 16.89
N LYS A 6 28.98 -8.35 17.42
CA LYS A 6 28.34 -7.10 17.00
C LYS A 6 28.03 -6.29 18.25
N SER A 7 28.59 -5.09 18.34
CA SER A 7 28.44 -4.25 19.53
C SER A 7 27.67 -2.96 19.28
N PHE A 8 27.32 -2.66 18.04
CA PHE A 8 26.59 -1.44 17.71
C PHE A 8 25.12 -1.79 17.48
N THR A 9 24.24 -1.14 18.23
CA THR A 9 22.81 -1.37 18.16
C THR A 9 22.08 -0.11 17.75
N CYS A 10 20.99 -0.29 17.00
CA CYS A 10 20.13 0.81 16.59
C CYS A 10 19.10 1.06 17.69
N ASP A 11 19.05 2.31 18.18
CA ASP A 11 18.13 2.65 19.25
C ASP A 11 16.68 2.77 18.79
N GLN A 12 16.39 2.46 17.53
CA GLN A 12 15.04 2.53 16.98
C GLN A 12 14.43 1.15 16.76
N CYS A 13 15.15 0.23 16.14
CA CYS A 13 14.65 -1.12 15.88
C CYS A 13 15.46 -2.22 16.56
N GLY A 14 16.62 -1.90 17.12
CA GLY A 14 17.39 -2.88 17.87
C GLY A 14 18.31 -3.77 17.07
N LYS A 15 18.46 -3.53 15.77
CA LYS A 15 19.32 -4.37 14.95
C LYS A 15 20.79 -4.16 15.31
N TYR A 16 21.57 -5.23 15.16
CA TYR A 16 22.97 -5.24 15.53
C TYR A 16 23.86 -5.03 14.32
N PHE A 17 25.02 -4.42 14.56
CA PHE A 17 25.99 -4.16 13.50
C PHE A 17 27.39 -4.26 14.08
N SER A 18 28.33 -4.73 13.25
CA SER A 18 29.69 -4.93 13.71
C SER A 18 30.51 -3.65 13.66
N GLN A 19 30.15 -2.71 12.80
CA GLN A 19 30.87 -1.46 12.65
C GLN A 19 29.93 -0.28 12.79
N LYS A 20 30.43 0.81 13.34
CA LYS A 20 29.63 2.01 13.49
C LYS A 20 29.18 2.56 12.14
N ARG A 21 30.02 2.43 11.11
CA ARG A 21 29.64 2.89 9.77
C ARG A 21 28.45 2.11 9.24
N GLN A 22 28.33 0.83 9.61
CA GLN A 22 27.17 0.05 9.19
C GLN A 22 25.91 0.51 9.91
N LEU A 23 26.03 0.90 11.18
CA LEU A 23 24.89 1.39 11.93
C LEU A 23 24.39 2.73 11.37
N LYS A 24 25.33 3.62 11.02
CA LYS A 24 24.92 4.92 10.50
C LYS A 24 24.23 4.77 9.15
N SER A 25 24.72 3.85 8.30
CA SER A 25 24.07 3.62 7.01
C SER A 25 22.67 3.05 7.19
N HIS A 26 22.49 2.15 8.15
CA HIS A 26 21.16 1.62 8.42
C HIS A 26 20.23 2.68 9.01
N TYR A 27 20.78 3.56 9.86
CA TYR A 27 19.96 4.55 10.55
C TYR A 27 19.24 5.49 9.59
N ARG A 28 19.63 5.53 8.31
CA ARG A 28 18.94 6.34 7.33
C ARG A 28 17.50 5.89 7.12
N VAL A 29 17.20 4.62 7.39
CA VAL A 29 15.85 4.11 7.19
C VAL A 29 14.85 4.76 8.14
N HIS A 30 15.32 5.26 9.28
CA HIS A 30 14.46 5.90 10.27
C HIS A 30 14.42 7.41 10.14
N THR A 31 15.53 8.03 9.73
CA THR A 31 15.59 9.48 9.59
C THR A 31 15.32 9.96 8.17
N GLY A 32 15.51 9.10 7.17
CA GLY A 32 15.41 9.51 5.79
C GLY A 32 16.62 10.25 5.27
N HIS A 33 17.57 10.61 6.13
CA HIS A 33 18.75 11.35 5.68
C HIS A 33 19.55 10.53 4.68
N SER A 34 19.90 11.18 3.56
CA SER A 34 20.76 10.60 2.52
C SER A 34 20.14 9.36 1.87
N LEU A 35 18.81 9.20 1.95
CA LEU A 35 18.14 8.15 1.20
C LEU A 35 17.96 8.59 -0.25
N PRO A 36 17.81 7.63 -1.17
CA PRO A 36 17.50 7.99 -2.56
C PRO A 36 16.31 8.92 -2.67
N GLU A 37 16.52 10.09 -3.27
CA GLU A 37 15.54 11.17 -3.30
C GLU A 37 15.12 11.43 -4.74
N CYS A 38 13.81 11.43 -4.98
CA CYS A 38 13.28 11.71 -6.30
C CYS A 38 13.56 13.16 -6.68
N SER A 39 14.03 13.38 -7.91
CA SER A 39 14.35 14.73 -8.35
C SER A 39 13.11 15.56 -8.63
N HIS A 40 11.93 14.94 -8.75
CA HIS A 40 10.70 15.66 -9.08
C HIS A 40 9.96 16.13 -7.83
N CYS A 41 9.59 15.19 -6.95
CA CYS A 41 8.81 15.51 -5.76
C CYS A 41 9.65 15.51 -4.49
N HIS A 42 10.89 15.06 -4.55
CA HIS A 42 11.83 15.07 -3.43
C HIS A 42 11.37 14.20 -2.26
N ARG A 43 10.49 13.24 -2.52
CA ARG A 43 10.23 12.20 -1.53
C ARG A 43 11.32 11.15 -1.61
N LYS A 44 11.51 10.43 -0.52
CA LYS A 44 12.66 9.55 -0.35
C LYS A 44 12.22 8.10 -0.24
N PHE A 45 13.08 7.20 -0.70
CA PHE A 45 12.79 5.78 -0.77
C PHE A 45 13.98 4.99 -0.26
N MET A 46 13.74 3.71 0.03
CA MET A 46 14.72 2.94 0.79
C MET A 46 15.90 2.52 -0.06
N ASP A 47 15.71 2.31 -1.36
CA ASP A 47 16.82 2.05 -2.26
C ASP A 47 16.48 2.61 -3.63
N VAL A 48 17.48 2.61 -4.52
CA VAL A 48 17.31 3.23 -5.83
C VAL A 48 16.33 2.45 -6.70
N SER A 49 16.12 1.16 -6.44
CA SER A 49 15.15 0.41 -7.22
C SER A 49 13.73 0.85 -6.89
N GLN A 50 13.44 1.10 -5.61
CA GLN A 50 12.14 1.61 -5.24
C GLN A 50 11.92 3.02 -5.77
N LEU A 51 12.99 3.81 -5.90
CA LEU A 51 12.88 5.13 -6.49
C LEU A 51 12.51 5.03 -7.96
N LYS A 52 13.19 4.16 -8.71
CA LYS A 52 12.87 3.98 -10.12
C LYS A 52 11.43 3.52 -10.30
N LYS A 53 10.94 2.69 -9.39
CA LYS A 53 9.53 2.29 -9.43
CA LYS A 53 9.53 2.29 -9.42
C LYS A 53 8.63 3.51 -9.28
N HIS A 54 8.91 4.35 -8.29
CA HIS A 54 8.10 5.54 -8.05
C HIS A 54 8.20 6.53 -9.20
N LEU A 55 9.31 6.52 -9.94
CA LEU A 55 9.48 7.44 -11.06
C LEU A 55 8.35 7.32 -12.08
N ARG A 56 7.75 6.13 -12.20
CA ARG A 56 6.67 5.93 -13.15
C ARG A 56 5.39 6.64 -12.73
N THR A 57 5.24 6.99 -11.45
CA THR A 57 4.07 7.75 -11.01
C THR A 57 4.04 9.14 -11.62
N HIS A 58 5.19 9.69 -12.01
CA HIS A 58 5.25 11.00 -12.65
C HIS A 58 5.13 10.92 -14.16
N THR A 59 5.54 9.80 -14.76
CA THR A 59 5.51 9.65 -16.21
C THR A 59 4.26 8.94 -16.72
N GLY A 60 3.51 8.26 -15.86
CA GLY A 60 2.37 7.49 -16.30
C GLY A 60 2.71 6.22 -17.05
N GLU A 61 3.96 5.78 -17.01
CA GLU A 61 4.37 4.57 -17.70
C GLU A 61 3.76 3.35 -17.04
N LYS A 62 3.22 2.45 -17.86
CA LYS A 62 2.62 1.20 -17.39
C LYS A 62 3.23 0.06 -18.20
N PRO A 63 4.38 -0.46 -17.77
CA PRO A 63 5.15 -1.39 -18.61
C PRO A 63 4.66 -2.83 -18.57
N PHE A 64 3.59 -3.14 -17.84
CA PHE A 64 3.14 -4.52 -17.67
C PHE A 64 1.75 -4.66 -18.27
N THR A 65 1.68 -5.22 -19.47
CA THR A 65 0.44 -5.31 -20.24
C THR A 65 -0.13 -6.71 -20.17
N CYS A 66 -1.45 -6.79 -20.02
CA CYS A 66 -2.17 -8.06 -20.04
C CYS A 66 -2.33 -8.51 -21.48
N GLU A 67 -1.87 -9.73 -21.79
CA GLU A 67 -1.98 -10.24 -23.15
C GLU A 67 -3.39 -10.69 -23.50
N ILE A 68 -4.30 -10.72 -22.54
CA ILE A 68 -5.67 -11.18 -22.78
C ILE A 68 -6.56 -10.02 -23.21
N CYS A 69 -6.51 -8.89 -22.51
CA CYS A 69 -7.37 -7.75 -22.81
C CYS A 69 -6.62 -6.50 -23.26
N GLY A 70 -5.30 -6.45 -23.10
CA GLY A 70 -4.52 -5.33 -23.57
C GLY A 70 -4.30 -4.21 -22.58
N LYS A 71 -4.92 -4.27 -21.40
CA LYS A 71 -4.73 -3.23 -20.40
C LYS A 71 -3.34 -3.32 -19.79
N SER A 72 -2.78 -2.17 -19.44
CA SER A 72 -1.44 -2.07 -18.89
C SER A 72 -1.49 -1.63 -17.44
N PHE A 73 -0.43 -1.97 -16.70
CA PHE A 73 -0.38 -1.73 -15.26
C PHE A 73 0.99 -1.20 -14.87
N THR A 74 1.03 -0.45 -13.77
CA THR A 74 2.27 0.17 -13.34
C THR A 74 3.21 -0.84 -12.69
N ALA A 75 2.67 -1.92 -12.14
CA ALA A 75 3.48 -2.90 -11.41
C ALA A 75 3.16 -4.30 -11.90
N LYS A 76 4.18 -5.16 -11.89
CA LYS A 76 3.98 -6.54 -12.33
C LYS A 76 3.06 -7.29 -11.38
N SER A 77 3.12 -6.99 -10.08
CA SER A 77 2.20 -7.63 -9.14
C SER A 77 0.75 -7.26 -9.42
N SER A 78 0.50 -6.03 -9.88
CA SER A 78 -0.86 -5.64 -10.23
C SER A 78 -1.36 -6.42 -11.44
N LEU A 79 -0.48 -6.64 -12.43
CA LEU A 79 -0.85 -7.46 -13.57
C LEU A 79 -1.16 -8.89 -13.15
N GLN A 80 -0.34 -9.44 -12.26
CA GLN A 80 -0.56 -10.80 -11.76
C GLN A 80 -1.92 -10.91 -11.07
N THR A 81 -2.27 -9.92 -10.24
CA THR A 81 -3.58 -9.89 -9.60
C THR A 81 -4.69 -9.75 -10.63
N HIS A 82 -4.46 -8.94 -11.66
CA HIS A 82 -5.49 -8.72 -12.68
C HIS A 82 -5.76 -9.97 -13.50
N ILE A 83 -4.71 -10.75 -13.79
CA ILE A 83 -4.88 -11.94 -14.61
C ILE A 83 -5.78 -12.96 -13.93
N ARG A 84 -5.75 -13.02 -12.59
CA ARG A 84 -6.65 -13.92 -11.87
C ARG A 84 -8.12 -13.62 -12.13
N ILE A 85 -8.44 -12.38 -12.52
CA ILE A 85 -9.82 -12.06 -12.87
C ILE A 85 -10.26 -12.82 -14.12
N HIS A 86 -9.40 -12.82 -15.15
CA HIS A 86 -9.74 -13.52 -16.39
C HIS A 86 -9.92 -15.01 -16.15
N ARG A 87 -9.10 -15.60 -15.27
CA ARG A 87 -9.10 -17.03 -15.04
C ARG A 87 -10.04 -17.48 -13.94
N GLY A 88 -10.78 -16.55 -13.34
CA GLY A 88 -11.68 -16.92 -12.25
C GLY A 88 -10.97 -17.49 -11.04
N GLU A 89 -9.71 -17.11 -10.82
CA GLU A 89 -8.90 -17.64 -9.73
C GLU A 89 -9.12 -16.79 -8.49
N LYS A 90 -9.80 -17.36 -7.48
CA LYS A 90 -10.13 -16.66 -6.25
C LYS A 90 -9.51 -17.43 -5.08
N PRO A 91 -8.21 -17.28 -4.84
CA PRO A 91 -7.55 -18.06 -3.79
C PRO A 91 -7.72 -17.48 -2.38
N TYR A 92 -8.24 -16.28 -2.25
CA TYR A 92 -8.40 -15.64 -0.94
C TYR A 92 -9.85 -15.78 -0.50
N SER A 93 -10.05 -16.36 0.68
CA SER A 93 -11.39 -16.61 1.21
C SER A 93 -11.47 -16.13 2.65
N CYS A 94 -12.63 -15.57 3.02
CA CYS A 94 -12.88 -15.20 4.40
C CYS A 94 -13.12 -16.45 5.24
N SER A 95 -12.34 -16.60 6.32
CA SER A 95 -12.46 -17.78 7.16
C SER A 95 -13.78 -17.81 7.93
N ILE A 96 -14.46 -16.67 8.05
CA ILE A 96 -15.68 -16.59 8.85
C ILE A 96 -16.91 -17.00 8.06
N CYS A 97 -17.10 -16.41 6.88
CA CYS A 97 -18.31 -16.68 6.09
C CYS A 97 -18.04 -17.39 4.77
N GLY A 98 -16.78 -17.57 4.38
CA GLY A 98 -16.44 -18.34 3.20
C GLY A 98 -16.44 -17.57 1.89
N LYS A 99 -16.70 -16.27 1.92
CA LYS A 99 -16.67 -15.48 0.69
C LYS A 99 -15.26 -15.46 0.12
N CYS A 100 -15.16 -15.69 -1.18
N CYS A 100 -15.16 -15.71 -1.18
CA CYS A 100 -13.87 -15.81 -1.85
CA CYS A 100 -13.87 -15.82 -1.86
C CYS A 100 -13.62 -14.61 -2.76
C CYS A 100 -13.63 -14.61 -2.75
N PHE A 101 -12.35 -14.29 -2.94
CA PHE A 101 -11.94 -13.14 -3.73
C PHE A 101 -10.71 -13.49 -4.56
N SER A 102 -10.60 -12.85 -5.72
CA SER A 102 -9.36 -12.87 -6.48
C SER A 102 -8.36 -11.84 -6.00
N ASP A 103 -8.85 -10.77 -5.38
CA ASP A 103 -8.02 -9.68 -4.89
C ASP A 103 -7.78 -9.85 -3.40
N SER A 104 -6.50 -9.78 -3.00
CA SER A 104 -6.16 -9.99 -1.59
C SER A 104 -6.65 -8.85 -0.71
N SER A 105 -6.60 -7.62 -1.22
CA SER A 105 -7.06 -6.48 -0.43
C SER A 105 -8.58 -6.48 -0.29
N ALA A 106 -9.29 -6.97 -1.31
CA ALA A 106 -10.74 -7.11 -1.18
C ALA A 106 -11.11 -8.09 -0.08
N LYS A 107 -10.34 -9.17 0.05
CA LYS A 107 -10.59 -10.13 1.13
C LYS A 107 -10.30 -9.51 2.49
N ARG A 108 -9.14 -8.86 2.63
CA ARG A 108 -8.80 -8.22 3.89
C ARG A 108 -9.81 -7.15 4.26
N ARG A 109 -10.28 -6.39 3.29
CA ARG A 109 -11.28 -5.35 3.55
C ARG A 109 -12.60 -5.95 3.99
N HIS A 110 -13.00 -7.07 3.39
CA HIS A 110 -14.27 -7.70 3.76
C HIS A 110 -14.23 -8.26 5.17
N CYS A 111 -13.10 -8.85 5.57
CA CYS A 111 -13.03 -9.52 6.86
C CYS A 111 -13.20 -8.55 8.02
N ILE A 112 -12.88 -7.26 7.81
CA ILE A 112 -13.05 -6.28 8.87
C ILE A 112 -14.52 -6.08 9.20
N LEU A 113 -15.41 -6.36 8.25
CA LEU A 113 -16.84 -6.15 8.48
C LEU A 113 -17.37 -7.06 9.57
N HIS A 114 -16.73 -8.21 9.80
CA HIS A 114 -17.18 -9.11 10.85
C HIS A 114 -16.90 -8.56 12.24
N THR A 115 -16.02 -7.55 12.35
CA THR A 115 -15.77 -6.90 13.63
C THR A 115 -16.76 -5.80 13.94
N GLY A 116 -17.39 -5.22 12.93
CA GLY A 116 -18.38 -4.18 13.15
C GLY A 116 -17.83 -2.81 13.45
N LYS A 117 -16.50 -2.63 13.39
CA LYS A 117 -15.91 -1.33 13.69
C LYS A 117 -16.29 -0.31 12.62
N LYS A 118 -16.73 0.87 13.07
CA LYS A 118 -17.06 1.99 12.18
C LYS A 118 -16.32 3.21 12.70
N PRO A 119 -15.02 3.31 12.40
CA PRO A 119 -14.20 4.37 12.99
C PRO A 119 -14.26 5.71 12.28
N PHE A 120 -15.07 5.86 11.24
CA PHE A 120 -15.14 7.09 10.46
C PHE A 120 -16.53 7.70 10.63
N SER A 121 -16.59 8.86 11.29
CA SER A 121 -17.84 9.50 11.64
C SER A 121 -17.99 10.82 10.89
N CYS A 122 -19.14 11.03 10.27
CA CYS A 122 -19.39 12.26 9.55
C CYS A 122 -19.40 13.45 10.51
N PRO A 123 -18.59 14.48 10.29
CA PRO A 123 -18.59 15.63 11.21
C PRO A 123 -19.85 16.49 11.12
N GLU A 124 -20.70 16.26 10.13
CA GLU A 124 -21.90 17.08 9.95
C GLU A 124 -23.12 16.47 10.63
N CYS A 125 -23.36 15.17 10.42
CA CYS A 125 -24.54 14.50 10.95
C CYS A 125 -24.24 13.36 11.91
N GLY A 126 -22.98 12.92 12.01
CA GLY A 126 -22.61 11.88 12.95
C GLY A 126 -22.77 10.46 12.43
N LEU A 127 -23.12 10.28 11.17
CA LEU A 127 -23.24 8.94 10.61
C LEU A 127 -21.88 8.27 10.57
N GLN A 128 -21.80 7.05 11.07
CA GLN A 128 -20.54 6.32 11.18
C GLN A 128 -20.40 5.32 10.04
N PHE A 129 -19.18 5.19 9.52
CA PHE A 129 -18.89 4.33 8.40
C PHE A 129 -17.71 3.42 8.72
N ALA A 130 -17.74 2.22 8.15
CA ALA A 130 -16.62 1.29 8.30
C ALA A 130 -15.45 1.66 7.40
N ARG A 131 -15.68 2.42 6.33
CA ARG A 131 -14.65 2.75 5.36
C ARG A 131 -14.58 4.26 5.17
N LEU A 132 -13.36 4.75 4.94
CA LEU A 132 -13.18 6.19 4.76
C LEU A 132 -13.72 6.65 3.41
N ASP A 133 -13.55 5.84 2.36
CA ASP A 133 -14.01 6.25 1.04
C ASP A 133 -15.53 6.40 0.98
N ASN A 134 -16.25 5.62 1.77
CA ASN A 134 -17.71 5.78 1.83
C ASN A 134 -18.11 7.02 2.62
N LEU A 135 -17.33 7.38 3.64
CA LEU A 135 -17.59 8.64 4.34
C LEU A 135 -17.35 9.82 3.42
N LYS A 136 -16.28 9.76 2.62
CA LYS A 136 -16.01 10.83 1.66
C LYS A 136 -17.14 10.99 0.67
N ALA A 137 -17.67 9.88 0.15
CA ALA A 137 -18.80 9.96 -0.76
C ALA A 137 -20.06 10.44 -0.05
N HIS A 138 -20.21 10.13 1.24
CA HIS A 138 -21.37 10.59 1.98
C HIS A 138 -21.33 12.10 2.17
N LEU A 139 -20.14 12.67 2.38
CA LEU A 139 -20.02 14.11 2.59
C LEU A 139 -20.38 14.91 1.34
N LYS A 140 -20.38 14.28 0.17
CA LYS A 140 -20.86 14.96 -1.04
C LYS A 140 -22.34 15.30 -0.92
N ILE A 141 -23.10 14.51 -0.17
CA ILE A 141 -24.52 14.78 0.00
C ILE A 141 -24.72 16.09 0.75
N HIS A 142 -23.85 16.37 1.72
CA HIS A 142 -23.95 17.63 2.46
C HIS A 142 -23.53 18.81 1.61
N SER A 143 -22.47 18.65 0.81
CA SER A 143 -22.03 19.73 -0.05
C SER A 143 -23.07 20.05 -1.12
N LYS A 144 -23.71 19.02 -1.69
CA LYS A 144 -24.77 19.26 -2.65
C LYS A 144 -26.01 19.85 -2.00
N GLU A 145 -26.20 19.60 -0.70
CA GLU A 145 -27.36 20.16 -0.01
C GLU A 145 -27.20 21.67 0.20
N LYS A 146 -25.96 22.15 0.24
CA LYS A 146 -25.71 23.58 0.42
C LYS A 146 -25.53 24.28 -0.92
N1 5CM B 4 -23.15 -0.02 0.77
C2 5CM B 4 -23.30 -0.23 -0.69
N3 5CM B 4 -22.97 0.83 -1.51
C4 5CM B 4 -22.53 2.05 -1.10
C5 5CM B 4 -22.36 2.31 0.27
C5A 5CM B 4 -21.87 3.65 0.77
C6 5CM B 4 -22.67 1.29 1.19
O2 5CM B 4 -23.69 -1.28 -1.15
N4 5CM B 4 -22.26 2.95 -2.06
C1' 5CM B 4 -23.48 -1.08 1.69
C2' 5CM B 4 -22.35 -1.39 2.65
C3' 5CM B 4 -23.02 -1.71 3.99
C4' 5CM B 4 -24.47 -1.27 3.78
O4' 5CM B 4 -24.54 -0.62 2.50
O3' 5CM B 4 -23.01 -3.12 4.26
C5' 5CM B 4 -24.89 -0.32 4.89
O5' 5CM B 4 -23.76 0.51 5.26
P 5CM B 4 -24.09 1.78 6.32
OP1 5CM B 4 -24.43 1.26 7.71
OP2 5CM B 4 -22.95 2.76 6.37
ZN ZN D . 17.09 0.63 13.07
ZN ZN E . 8.73 11.72 -7.17
ZN ZN F . -6.60 -8.37 -18.88
ZN ZN G . -16.67 -12.99 5.72
ZN ZN H . -23.31 13.28 7.27
C1 EDO I . -10.66 -5.57 -15.15
O1 EDO I . -9.98 -5.04 -16.28
C2 EDO I . -11.64 -6.66 -15.60
O2 EDO I . -10.91 -7.70 -16.28
C1 EDO J . -15.42 20.35 8.77
O1 EDO J . -16.69 19.77 9.12
C2 EDO J . -14.86 21.10 9.97
O2 EDO J . -15.79 22.12 10.37
C1 EDO K . -1.28 -11.10 -1.71
O1 EDO K . -1.21 -10.55 -0.40
C2 EDO K . -0.45 -10.26 -2.67
O2 EDO K . -1.31 -9.36 -3.39
C1 EDO L . -12.52 0.70 -11.72
O1 EDO L . -13.61 -0.16 -11.35
C2 EDO L . -11.37 -0.15 -12.23
O2 EDO L . -10.23 0.69 -12.48
C1 EDO M . -23.27 -5.32 -6.16
O1 EDO M . -23.48 -4.02 -6.76
C2 EDO M . -23.48 -5.22 -4.64
O2 EDO M . -24.83 -4.83 -4.37
#